data_1JI5
#
_entry.id   1JI5
#
_cell.length_a   89.224
_cell.length_b   89.224
_cell.length_c   210.165
_cell.angle_alpha   90.00
_cell.angle_beta   90.00
_cell.angle_gamma   120.00
#
_symmetry.space_group_name_H-M   'H 3'
#
loop_
_entity.id
_entity.type
_entity.pdbx_description
1 polymer Dlp-1
2 non-polymer 'FE (III) ION'
3 non-polymer (4S)-2-METHYL-2,4-PENTANEDIOL
4 water water
#
_entity_poly.entity_id   1
_entity_poly.type   'polypeptide(L)'
_entity_poly.pdbx_seq_one_letter_code
;QVIEVLNKQVADWSVLFTKLHNFHWYVKGPQFFTLHEKFEELYTESATHIDEIAERILAIGGKPVATMKEYLEISSIQEA
AYGETAEGMVEAIMKDYEMMLVELKKGMEIAQNSDDEMTSDLLLGIYTELEKHAWMLRAFLN
;
_entity_poly.pdbx_strand_id   A,B,C,D
#
# COMPACT_ATOMS: atom_id res chain seq x y z
N GLN A 1 38.15 23.75 -2.07
CA GLN A 1 38.44 22.29 -2.00
C GLN A 1 37.35 21.50 -2.69
N VAL A 2 37.60 20.20 -2.84
CA VAL A 2 36.66 19.28 -3.45
C VAL A 2 35.61 19.00 -2.38
N ILE A 3 36.06 18.96 -1.13
CA ILE A 3 35.17 18.71 0.01
C ILE A 3 34.01 19.70 0.00
N GLU A 4 34.27 20.91 -0.49
CA GLU A 4 33.24 21.91 -0.53
C GLU A 4 32.22 21.62 -1.63
N VAL A 5 32.70 21.11 -2.75
CA VAL A 5 31.81 20.76 -3.85
C VAL A 5 30.87 19.67 -3.31
N LEU A 6 31.48 18.63 -2.76
CA LEU A 6 30.74 17.50 -2.20
C LEU A 6 29.76 17.93 -1.11
N ASN A 7 30.22 18.77 -0.18
CA ASN A 7 29.35 19.20 0.89
C ASN A 7 28.16 20.00 0.39
N LYS A 8 28.32 20.66 -0.76
CA LYS A 8 27.18 21.41 -1.28
C LYS A 8 26.22 20.39 -1.88
N GLN A 9 26.78 19.32 -2.43
CA GLN A 9 25.98 18.26 -2.99
C GLN A 9 25.15 17.70 -1.86
N VAL A 10 25.81 17.42 -0.74
CA VAL A 10 25.11 16.85 0.41
C VAL A 10 23.93 17.73 0.77
N ALA A 11 24.20 19.01 0.95
CA ALA A 11 23.17 19.96 1.31
C ALA A 11 22.05 19.95 0.27
N ASP A 12 22.44 20.10 -1.00
CA ASP A 12 21.44 20.11 -2.07
C ASP A 12 20.56 18.86 -2.01
N TRP A 13 21.20 17.70 -2.01
CA TRP A 13 20.46 16.45 -1.98
C TRP A 13 19.57 16.35 -0.77
N SER A 14 20.04 16.85 0.37
CA SER A 14 19.25 16.80 1.59
C SER A 14 17.98 17.61 1.39
N VAL A 15 18.12 18.75 0.73
CA VAL A 15 16.95 19.57 0.50
C VAL A 15 16.02 18.84 -0.46
N LEU A 16 16.58 18.33 -1.55
CA LEU A 16 15.79 17.58 -2.52
C LEU A 16 14.99 16.50 -1.80
N PHE A 17 15.63 15.78 -0.90
CA PHE A 17 14.97 14.72 -0.13
C PHE A 17 13.63 15.18 0.43
N THR A 18 13.65 16.30 1.16
CA THR A 18 12.45 16.83 1.77
C THR A 18 11.50 17.36 0.71
N LYS A 19 12.05 18.11 -0.24
CA LYS A 19 11.25 18.70 -1.31
C LYS A 19 10.49 17.63 -2.11
N LEU A 20 11.13 16.49 -2.31
CA LEU A 20 10.52 15.37 -3.04
C LEU A 20 9.43 14.71 -2.22
N HIS A 21 9.57 14.74 -0.89
CA HIS A 21 8.57 14.16 0.00
C HIS A 21 7.33 15.03 -0.07
N ASN A 22 7.56 16.34 -0.06
CA ASN A 22 6.50 17.33 -0.14
C ASN A 22 5.68 17.03 -1.40
N PHE A 23 6.35 16.99 -2.54
CA PHE A 23 5.67 16.69 -3.80
C PHE A 23 5.04 15.31 -3.73
N HIS A 24 5.71 14.37 -3.05
CA HIS A 24 5.20 13.02 -2.89
C HIS A 24 3.85 13.13 -2.17
N TRP A 25 3.81 13.94 -1.12
CA TRP A 25 2.60 14.12 -0.32
C TRP A 25 1.49 15.04 -0.88
N TYR A 26 1.88 16.16 -1.48
CA TYR A 26 0.89 17.12 -1.97
C TYR A 26 0.44 17.01 -3.45
N VAL A 27 1.04 16.11 -4.23
CA VAL A 27 0.65 15.98 -5.63
C VAL A 27 -0.85 15.59 -5.75
N LYS A 28 -1.48 16.02 -6.85
CA LYS A 28 -2.90 15.75 -7.09
C LYS A 28 -3.24 15.67 -8.58
N GLY A 29 -4.39 15.12 -8.92
CA GLY A 29 -4.76 15.02 -10.32
C GLY A 29 -4.82 13.59 -10.84
N PRO A 30 -5.06 13.43 -12.14
CA PRO A 30 -5.15 12.12 -12.78
C PRO A 30 -3.78 11.44 -12.93
N GLN A 31 -2.74 12.17 -12.53
CA GLN A 31 -1.38 11.67 -12.60
C GLN A 31 -0.88 11.38 -11.19
N PHE A 32 -1.81 11.44 -10.25
CA PHE A 32 -1.48 11.21 -8.85
C PHE A 32 -0.62 9.98 -8.64
N PHE A 33 -1.26 8.83 -8.82
CA PHE A 33 -0.60 7.56 -8.62
C PHE A 33 0.74 7.45 -9.29
N THR A 34 0.81 7.76 -10.57
CA THR A 34 2.07 7.63 -11.25
C THR A 34 3.10 8.65 -10.73
N LEU A 35 2.68 9.87 -10.43
CA LEU A 35 3.63 10.88 -9.91
C LEU A 35 3.94 10.67 -8.42
N HIS A 36 2.94 10.22 -7.66
CA HIS A 36 3.11 9.96 -6.22
C HIS A 36 4.25 8.97 -6.13
N GLU A 37 4.23 8.01 -7.04
CA GLU A 37 5.22 6.96 -7.11
C GLU A 37 6.58 7.49 -7.54
N LYS A 38 6.63 8.13 -8.71
CA LYS A 38 7.88 8.66 -9.21
C LYS A 38 8.67 9.46 -8.19
N PHE A 39 8.00 10.39 -7.49
CA PHE A 39 8.70 11.19 -6.49
C PHE A 39 9.35 10.33 -5.39
N GLU A 40 8.67 9.28 -4.94
CA GLU A 40 9.24 8.41 -3.92
C GLU A 40 10.52 7.74 -4.45
N GLU A 41 10.49 7.41 -5.73
CA GLU A 41 11.61 6.78 -6.41
C GLU A 41 12.77 7.78 -6.37
N LEU A 42 12.44 9.05 -6.66
CA LEU A 42 13.42 10.12 -6.68
C LEU A 42 14.02 10.45 -5.31
N TYR A 43 13.20 10.53 -4.26
CA TYR A 43 13.78 10.84 -2.97
C TYR A 43 14.53 9.67 -2.40
N THR A 44 14.21 8.48 -2.88
CA THR A 44 14.94 7.30 -2.43
C THR A 44 16.35 7.44 -3.02
N GLU A 45 16.40 7.80 -4.31
CA GLU A 45 17.66 8.02 -5.00
C GLU A 45 18.45 9.13 -4.31
N SER A 46 17.75 10.23 -3.99
CA SER A 46 18.38 11.36 -3.34
C SER A 46 19.08 10.88 -2.07
N ALA A 47 18.37 10.10 -1.25
CA ALA A 47 18.93 9.59 -0.01
C ALA A 47 20.21 8.81 -0.29
N THR A 48 20.23 8.07 -1.40
CA THR A 48 21.42 7.31 -1.75
C THR A 48 22.60 8.27 -1.92
N HIS A 49 22.39 9.31 -2.72
CA HIS A 49 23.45 10.28 -2.98
C HIS A 49 23.97 10.89 -1.66
N ILE A 50 23.06 11.29 -0.80
CA ILE A 50 23.44 11.89 0.47
C ILE A 50 24.48 11.06 1.21
N ASP A 51 24.31 9.74 1.22
CA ASP A 51 25.23 8.88 1.96
C ASP A 51 26.54 8.60 1.21
N GLU A 52 26.45 8.39 -0.10
CA GLU A 52 27.65 8.10 -0.88
C GLU A 52 28.59 9.29 -0.84
N ILE A 53 28.05 10.46 -1.19
CA ILE A 53 28.84 11.68 -1.22
C ILE A 53 29.48 11.93 0.14
N ALA A 54 28.66 11.93 1.18
CA ALA A 54 29.16 12.13 2.53
C ALA A 54 30.31 11.17 2.80
N GLU A 55 30.06 9.90 2.57
CA GLU A 55 31.06 8.88 2.79
C GLU A 55 32.22 9.05 1.82
N ARG A 56 32.00 9.82 0.75
CA ARG A 56 33.10 10.04 -0.17
C ARG A 56 34.07 11.04 0.44
N ILE A 57 33.53 12.19 0.86
CA ILE A 57 34.36 13.21 1.45
C ILE A 57 34.95 12.63 2.72
N LEU A 58 34.18 11.75 3.33
CA LEU A 58 34.62 11.10 4.54
C LEU A 58 35.83 10.21 4.22
N ALA A 59 35.88 9.68 3.00
CA ALA A 59 36.97 8.81 2.55
C ALA A 59 38.20 9.61 2.11
N ILE A 60 38.00 10.89 1.85
CA ILE A 60 39.10 11.72 1.42
C ILE A 60 39.52 12.68 2.53
N GLY A 61 39.29 12.28 3.79
CA GLY A 61 39.68 13.08 4.93
C GLY A 61 38.85 14.32 5.26
N GLY A 62 37.72 14.47 4.59
CA GLY A 62 36.87 15.61 4.84
C GLY A 62 35.87 15.36 5.95
N LYS A 63 35.13 16.41 6.32
CA LYS A 63 34.12 16.33 7.36
C LYS A 63 32.80 16.80 6.75
N PRO A 64 31.88 15.85 6.50
CA PRO A 64 30.57 16.13 5.93
C PRO A 64 29.64 16.97 6.77
N VAL A 65 29.02 17.96 6.14
CA VAL A 65 28.06 18.81 6.84
C VAL A 65 26.95 17.88 7.30
N ALA A 66 26.48 18.04 8.53
CA ALA A 66 25.46 17.14 9.02
C ALA A 66 24.40 17.73 9.94
N THR A 67 23.83 18.85 9.54
CA THR A 67 22.76 19.49 10.29
C THR A 67 21.88 20.16 9.26
N MET A 68 20.58 20.11 9.47
CA MET A 68 19.68 20.74 8.51
C MET A 68 20.00 22.23 8.50
N LYS A 69 20.42 22.73 9.65
CA LYS A 69 20.78 24.14 9.78
C LYS A 69 21.81 24.55 8.72
N GLU A 70 22.92 23.83 8.68
CA GLU A 70 23.96 24.12 7.71
C GLU A 70 23.42 23.92 6.30
N TYR A 71 22.73 22.81 6.07
CA TYR A 71 22.15 22.51 4.76
C TYR A 71 21.43 23.74 4.21
N LEU A 72 20.57 24.30 5.04
CA LEU A 72 19.78 25.46 4.68
C LEU A 72 20.64 26.66 4.31
N GLU A 73 21.69 26.91 5.07
CA GLU A 73 22.55 28.04 4.76
C GLU A 73 23.53 27.81 3.63
N ILE A 74 23.60 26.60 3.09
CA ILE A 74 24.53 26.35 1.99
C ILE A 74 23.87 25.84 0.71
N SER A 75 22.78 25.10 0.83
CA SER A 75 22.11 24.60 -0.37
C SER A 75 21.60 25.74 -1.24
N SER A 76 21.58 25.50 -2.54
CA SER A 76 21.10 26.49 -3.51
C SER A 76 19.73 26.09 -4.05
N ILE A 77 19.18 24.99 -3.53
CA ILE A 77 17.87 24.49 -3.96
C ILE A 77 16.78 25.25 -3.21
N GLN A 78 15.77 25.70 -3.93
CA GLN A 78 14.70 26.48 -3.31
C GLN A 78 14.03 25.90 -2.06
N GLU A 79 13.16 24.91 -2.23
CA GLU A 79 12.41 24.28 -1.12
C GLU A 79 11.00 24.87 -1.07
N ALA A 80 10.26 24.53 -0.01
CA ALA A 80 8.89 25.00 0.24
C ALA A 80 8.06 25.05 -1.01
N ALA A 81 7.41 26.19 -1.20
CA ALA A 81 6.55 26.43 -2.34
C ALA A 81 5.36 25.50 -2.18
N TYR A 82 4.40 25.89 -1.37
CA TYR A 82 3.29 24.99 -1.16
C TYR A 82 2.32 24.68 -2.28
N GLY A 83 1.37 25.57 -2.55
CA GLY A 83 0.36 25.29 -3.56
C GLY A 83 0.76 24.91 -4.98
N GLU A 84 1.84 24.15 -5.17
CA GLU A 84 2.33 23.75 -6.48
C GLU A 84 1.51 22.69 -7.23
N THR A 85 1.48 22.80 -8.57
CA THR A 85 0.73 21.90 -9.47
C THR A 85 1.47 20.60 -9.67
N ALA A 86 0.76 19.59 -10.17
CA ALA A 86 1.40 18.31 -10.45
C ALA A 86 2.49 18.62 -11.48
N GLU A 87 2.09 19.33 -12.53
CA GLU A 87 3.02 19.70 -13.58
C GLU A 87 4.04 20.65 -12.99
N GLY A 88 3.57 21.55 -12.12
CA GLY A 88 4.47 22.48 -11.48
C GLY A 88 5.61 21.76 -10.78
N MET A 89 5.26 20.71 -10.04
CA MET A 89 6.25 19.92 -9.32
C MET A 89 7.25 19.26 -10.25
N VAL A 90 6.75 18.64 -11.32
CA VAL A 90 7.62 17.98 -12.29
C VAL A 90 8.55 19.01 -12.90
N GLU A 91 7.96 20.13 -13.27
CA GLU A 91 8.68 21.24 -13.86
C GLU A 91 9.72 21.73 -12.85
N ALA A 92 9.32 21.83 -11.58
CA ALA A 92 10.19 22.28 -10.50
C ALA A 92 11.47 21.49 -10.25
N ILE A 93 11.36 20.17 -10.02
CA ILE A 93 12.57 19.40 -9.75
C ILE A 93 13.34 19.18 -11.03
N MET A 94 12.66 19.23 -12.16
CA MET A 94 13.35 19.08 -13.44
C MET A 94 14.36 20.22 -13.58
N LYS A 95 13.94 21.44 -13.25
CA LYS A 95 14.82 22.60 -13.31
C LYS A 95 15.93 22.42 -12.28
N ASP A 96 15.57 21.92 -11.10
CA ASP A 96 16.53 21.68 -10.02
C ASP A 96 17.63 20.73 -10.49
N TYR A 97 17.22 19.68 -11.18
CA TYR A 97 18.19 18.72 -11.68
C TYR A 97 19.13 19.40 -12.69
N GLU A 98 18.56 20.15 -13.62
CA GLU A 98 19.35 20.83 -14.64
C GLU A 98 20.33 21.82 -14.03
N MET A 99 19.87 22.57 -13.04
CA MET A 99 20.74 23.54 -12.40
C MET A 99 21.85 22.83 -11.65
N MET A 100 21.65 21.54 -11.38
CA MET A 100 22.64 20.74 -10.67
C MET A 100 23.64 20.15 -11.66
N LEU A 101 23.22 19.95 -12.89
CA LEU A 101 24.14 19.42 -13.88
C LEU A 101 25.32 20.38 -14.02
N VAL A 102 25.02 21.68 -14.11
CA VAL A 102 26.08 22.68 -14.23
C VAL A 102 27.04 22.63 -13.04
N GLU A 103 26.50 22.64 -11.83
CA GLU A 103 27.35 22.61 -10.65
C GLU A 103 28.19 21.34 -10.63
N LEU A 104 27.68 20.29 -11.26
CA LEU A 104 28.40 19.02 -11.30
C LEU A 104 29.57 19.12 -12.27
N LYS A 105 29.32 19.63 -13.49
CA LYS A 105 30.40 19.78 -14.46
C LYS A 105 31.53 20.56 -13.78
N LYS A 106 31.17 21.68 -13.17
CA LYS A 106 32.14 22.49 -12.47
C LYS A 106 32.84 21.63 -11.44
N GLY A 107 32.06 20.84 -10.70
CA GLY A 107 32.60 19.97 -9.68
C GLY A 107 33.62 18.96 -10.18
N MET A 108 33.42 18.45 -11.39
CA MET A 108 34.34 17.46 -11.96
C MET A 108 35.61 18.18 -12.41
N GLU A 109 35.44 19.42 -12.85
CA GLU A 109 36.57 20.23 -13.29
C GLU A 109 37.58 20.32 -12.16
N ILE A 110 37.14 20.91 -11.05
CA ILE A 110 37.98 21.09 -9.87
C ILE A 110 38.47 19.77 -9.27
N ALA A 111 37.65 18.73 -9.33
CA ALA A 111 38.06 17.42 -8.81
C ALA A 111 39.25 16.94 -9.62
N GLN A 112 39.14 17.06 -10.95
CA GLN A 112 40.21 16.65 -11.85
C GLN A 112 41.44 17.52 -11.64
N ASN A 113 41.21 18.81 -11.46
CA ASN A 113 42.30 19.76 -11.25
C ASN A 113 43.03 19.48 -9.93
N SER A 114 42.31 18.95 -8.95
CA SER A 114 42.91 18.64 -7.67
C SER A 114 43.40 17.19 -7.67
N ASP A 115 43.57 16.64 -8.88
CA ASP A 115 44.02 15.26 -9.06
C ASP A 115 43.15 14.27 -8.28
N ASP A 116 41.86 14.29 -8.57
CA ASP A 116 40.93 13.40 -7.90
C ASP A 116 39.84 12.97 -8.87
N GLU A 117 40.20 12.17 -9.87
CA GLU A 117 39.19 11.74 -10.81
C GLU A 117 38.25 10.75 -10.17
N MET A 118 38.63 10.27 -8.98
CA MET A 118 37.77 9.34 -8.25
C MET A 118 36.49 10.08 -7.96
N THR A 119 36.59 11.17 -7.21
CA THR A 119 35.42 11.96 -6.89
C THR A 119 34.72 12.40 -8.18
N SER A 120 35.52 12.70 -9.21
CA SER A 120 34.96 13.10 -10.50
C SER A 120 34.06 11.99 -11.04
N ASP A 121 34.56 10.76 -10.98
CA ASP A 121 33.79 9.63 -11.46
C ASP A 121 32.46 9.53 -10.69
N LEU A 122 32.52 9.70 -9.38
CA LEU A 122 31.32 9.64 -8.56
C LEU A 122 30.33 10.66 -9.08
N LEU A 123 30.81 11.88 -9.25
CA LEU A 123 29.97 12.96 -9.74
C LEU A 123 29.44 12.68 -11.14
N LEU A 124 30.30 12.11 -11.96
CA LEU A 124 29.91 11.78 -13.34
C LEU A 124 28.66 10.90 -13.35
N GLY A 125 28.63 9.94 -12.42
CA GLY A 125 27.51 9.03 -12.32
C GLY A 125 26.20 9.77 -12.09
N ILE A 126 26.19 10.64 -11.09
CA ILE A 126 25.01 11.42 -10.75
C ILE A 126 24.55 12.21 -11.97
N TYR A 127 25.52 12.75 -12.68
CA TYR A 127 25.27 13.54 -13.89
C TYR A 127 24.47 12.72 -14.87
N THR A 128 24.98 11.53 -15.17
CA THR A 128 24.33 10.64 -16.11
C THR A 128 22.91 10.36 -15.63
N GLU A 129 22.77 10.06 -14.33
CA GLU A 129 21.48 9.76 -13.74
C GLU A 129 20.48 10.88 -13.97
N LEU A 130 20.85 12.07 -13.54
CA LEU A 130 19.96 13.20 -13.68
C LEU A 130 19.60 13.52 -15.14
N GLU A 131 20.57 13.45 -16.04
CA GLU A 131 20.31 13.74 -17.44
C GLU A 131 19.18 12.90 -18.01
N LYS A 132 19.13 11.63 -17.61
CA LYS A 132 18.09 10.73 -18.08
C LYS A 132 16.76 11.20 -17.50
N HIS A 133 16.74 11.44 -16.19
CA HIS A 133 15.53 11.91 -15.55
C HIS A 133 14.99 13.16 -16.26
N ALA A 134 15.86 14.14 -16.42
CA ALA A 134 15.48 15.39 -17.07
C ALA A 134 14.75 15.13 -18.37
N TRP A 135 15.26 14.19 -19.16
CA TRP A 135 14.64 13.84 -20.43
C TRP A 135 13.22 13.30 -20.22
N MET A 136 13.08 12.32 -19.34
CA MET A 136 11.79 11.73 -19.08
C MET A 136 10.83 12.75 -18.47
N LEU A 137 11.34 13.52 -17.51
CA LEU A 137 10.51 14.55 -16.90
C LEU A 137 10.06 15.51 -18.00
N ARG A 138 11.02 15.97 -18.79
CA ARG A 138 10.74 16.88 -19.88
C ARG A 138 9.72 16.30 -20.86
N ALA A 139 9.94 15.07 -21.31
CA ALA A 139 9.04 14.42 -22.25
C ALA A 139 7.63 14.31 -21.68
N PHE A 140 7.57 14.24 -20.35
CA PHE A 140 6.30 14.13 -19.65
C PHE A 140 5.51 15.42 -19.88
N LEU A 141 6.25 16.54 -19.85
CA LEU A 141 5.67 17.87 -20.04
C LEU A 141 5.51 18.20 -21.52
N ASN A 142 6.59 18.64 -22.18
CA ASN A 142 6.57 19.01 -23.59
C ASN A 142 5.59 18.19 -24.44
N GLN B 1 -5.04 20.34 17.73
CA GLN B 1 -5.51 19.25 16.83
C GLN B 1 -4.55 18.09 16.91
N VAL B 2 -4.96 16.98 16.29
CA VAL B 2 -4.15 15.78 16.24
C VAL B 2 -3.10 16.03 15.17
N ILE B 3 -3.50 16.75 14.13
CA ILE B 3 -2.62 17.09 13.03
C ILE B 3 -1.35 17.74 13.57
N GLU B 4 -1.49 18.47 14.66
CA GLU B 4 -0.34 19.15 15.24
C GLU B 4 0.59 18.16 15.95
N VAL B 5 0.01 17.16 16.59
CA VAL B 5 0.81 16.16 17.26
C VAL B 5 1.64 15.46 16.16
N LEU B 6 0.94 15.01 15.12
CA LEU B 6 1.55 14.33 13.99
C LEU B 6 2.63 15.17 13.30
N ASN B 7 2.29 16.43 13.03
CA ASN B 7 3.25 17.30 12.38
C ASN B 7 4.51 17.51 13.20
N LYS B 8 4.39 17.43 14.52
CA LYS B 8 5.58 17.59 15.35
C LYS B 8 6.38 16.30 15.22
N GLN B 9 5.67 15.20 15.07
CA GLN B 9 6.31 13.90 14.90
C GLN B 9 7.14 13.97 13.62
N VAL B 10 6.50 14.46 12.57
CA VAL B 10 7.17 14.59 11.28
C VAL B 10 8.46 15.36 11.45
N ALA B 11 8.35 16.54 12.05
CA ALA B 11 9.52 17.38 12.27
C ALA B 11 10.58 16.66 13.09
N ASP B 12 10.16 16.09 14.22
CA ASP B 12 11.11 15.38 15.07
C ASP B 12 11.82 14.29 14.27
N TRP B 13 11.04 13.41 13.64
CA TRP B 13 11.65 12.34 12.87
C TRP B 13 12.57 12.84 11.79
N SER B 14 12.19 13.95 11.14
CA SER B 14 13.03 14.51 10.09
C SER B 14 14.39 14.90 10.65
N VAL B 15 14.37 15.46 11.86
CA VAL B 15 15.61 15.87 12.52
C VAL B 15 16.41 14.60 12.85
N LEU B 16 15.74 13.64 13.46
CA LEU B 16 16.39 12.38 13.80
C LEU B 16 17.08 11.82 12.57
N PHE B 17 16.38 11.83 11.43
CA PHE B 17 16.94 11.32 10.18
C PHE B 17 18.36 11.86 9.92
N THR B 18 18.50 13.17 9.98
CA THR B 18 19.78 13.81 9.75
C THR B 18 20.75 13.52 10.88
N LYS B 19 20.27 13.66 12.11
CA LYS B 19 21.10 13.42 13.29
C LYS B 19 21.69 12.00 13.32
N LEU B 20 20.91 11.04 12.84
CA LEU B 20 21.31 9.64 12.78
C LEU B 20 22.36 9.44 11.69
N HIS B 21 22.26 10.24 10.62
CA HIS B 21 23.24 10.17 9.53
C HIS B 21 24.58 10.68 10.05
N ASN B 22 24.50 11.78 10.80
CA ASN B 22 25.67 12.41 11.40
C ASN B 22 26.39 11.35 12.22
N PHE B 23 25.69 10.73 13.17
CA PHE B 23 26.28 9.69 14.00
C PHE B 23 26.75 8.53 13.12
N HIS B 24 25.99 8.25 12.07
CA HIS B 24 26.34 7.18 11.13
C HIS B 24 27.71 7.52 10.56
N TRP B 25 27.89 8.78 10.18
CA TRP B 25 29.15 9.23 9.58
C TRP B 25 30.32 9.53 10.52
N TYR B 26 30.03 10.12 11.67
CA TYR B 26 31.11 10.50 12.59
C TYR B 26 31.48 9.52 13.72
N VAL B 27 30.75 8.42 13.88
CA VAL B 27 31.08 7.46 14.94
C VAL B 27 32.51 6.89 14.78
N LYS B 28 33.15 6.55 15.89
CA LYS B 28 34.52 6.01 15.88
C LYS B 28 34.76 5.04 17.05
N GLY B 29 35.83 4.26 16.96
CA GLY B 29 36.11 3.33 18.04
C GLY B 29 35.98 1.87 17.63
N PRO B 30 36.16 0.95 18.59
CA PRO B 30 36.07 -0.49 18.36
C PRO B 30 34.63 -0.93 18.17
N GLN B 31 33.71 0.02 18.29
CA GLN B 31 32.29 -0.27 18.11
C GLN B 31 31.83 0.34 16.80
N PHE B 32 32.78 0.85 16.02
CA PHE B 32 32.50 1.49 14.75
C PHE B 32 31.52 0.72 13.90
N PHE B 33 32.01 -0.39 13.36
CA PHE B 33 31.20 -1.21 12.48
C PHE B 33 29.82 -1.54 13.01
N THR B 34 29.74 -2.01 14.25
CA THR B 34 28.45 -2.35 14.77
C THR B 34 27.56 -1.11 14.96
N LEU B 35 28.12 0.02 15.40
CA LEU B 35 27.33 1.24 15.59
C LEU B 35 27.05 1.96 14.27
N HIS B 36 28.01 1.92 13.35
CA HIS B 36 27.88 2.54 12.04
C HIS B 36 26.63 1.93 11.42
N GLU B 37 26.51 0.63 11.63
CA GLU B 37 25.40 -0.12 11.11
C GLU B 37 24.09 0.22 11.80
N LYS B 38 24.06 0.07 13.12
CA LYS B 38 22.87 0.35 13.90
C LYS B 38 22.24 1.69 13.55
N PHE B 39 23.04 2.75 13.49
CA PHE B 39 22.48 4.06 13.16
C PHE B 39 21.77 4.06 11.79
N GLU B 40 22.35 3.38 10.80
CA GLU B 40 21.73 3.34 9.46
C GLU B 40 20.37 2.65 9.55
N GLU B 41 20.30 1.64 10.42
CA GLU B 41 19.09 0.89 10.68
C GLU B 41 18.05 1.86 11.23
N LEU B 42 18.49 2.67 12.20
CA LEU B 42 17.65 3.65 12.85
C LEU B 42 17.17 4.77 11.94
N TYR B 43 18.04 5.32 11.09
CA TYR B 43 17.55 6.40 10.23
C TYR B 43 16.70 5.86 9.11
N THR B 44 16.84 4.58 8.82
CA THR B 44 16.00 4.00 7.80
C THR B 44 14.59 3.95 8.42
N GLU B 45 14.52 3.52 9.68
CA GLU B 45 13.25 3.45 10.40
C GLU B 45 12.64 4.84 10.51
N SER B 46 13.49 5.81 10.85
CA SER B 46 13.05 7.18 10.99
C SER B 46 12.33 7.60 9.70
N ALA B 47 12.99 7.35 8.56
CA ALA B 47 12.41 7.70 7.27
C ALA B 47 11.03 7.07 7.09
N THR B 48 10.87 5.85 7.58
CA THR B 48 9.59 5.17 7.47
C THR B 48 8.53 5.99 8.20
N HIS B 49 8.82 6.36 9.44
CA HIS B 49 7.88 7.14 10.24
C HIS B 49 7.49 8.44 9.55
N ILE B 50 8.48 9.16 9.05
CA ILE B 50 8.22 10.42 8.35
C ILE B 50 7.12 10.28 7.30
N ASP B 51 7.15 9.21 6.53
CA ASP B 51 6.16 9.04 5.48
C ASP B 51 4.81 8.54 5.97
N GLU B 52 4.82 7.59 6.91
CA GLU B 52 3.56 7.06 7.43
C GLU B 52 2.76 8.17 8.09
N ILE B 53 3.40 8.85 9.04
CA ILE B 53 2.77 9.93 9.80
C ILE B 53 2.22 10.98 8.84
N ALA B 54 3.09 11.50 7.98
CA ALA B 54 2.68 12.50 6.99
C ALA B 54 1.44 12.01 6.24
N GLU B 55 1.53 10.79 5.71
CA GLU B 55 0.42 10.22 4.96
C GLU B 55 -0.76 9.95 5.90
N ARG B 56 -0.50 9.94 7.20
CA ARG B 56 -1.59 9.71 8.13
C ARG B 56 -2.40 10.99 8.24
N ILE B 57 -1.71 12.09 8.55
CA ILE B 57 -2.40 13.37 8.68
C ILE B 57 -3.00 13.69 7.31
N LEU B 58 -2.32 13.22 6.28
CA LEU B 58 -2.78 13.44 4.92
C LEU B 58 -4.11 12.70 4.73
N ALA B 59 -4.26 11.57 5.42
CA ALA B 59 -5.47 10.75 5.33
C ALA B 59 -6.61 11.31 6.19
N ILE B 60 -6.26 12.15 7.15
CA ILE B 60 -7.27 12.74 8.00
C ILE B 60 -7.51 14.21 7.66
N GLY B 61 -7.29 14.55 6.39
CA GLY B 61 -7.52 15.91 5.93
C GLY B 61 -6.53 16.98 6.34
N GLY B 62 -5.42 16.58 6.94
CA GLY B 62 -4.44 17.55 7.35
C GLY B 62 -3.42 17.86 6.26
N LYS B 63 -2.56 18.84 6.54
CA LYS B 63 -1.52 19.25 5.61
C LYS B 63 -0.19 19.12 6.33
N PRO B 64 0.60 18.09 5.96
CA PRO B 64 1.91 17.82 6.55
C PRO B 64 2.96 18.88 6.30
N VAL B 65 3.66 19.26 7.36
CA VAL B 65 4.74 20.23 7.24
C VAL B 65 5.75 19.60 6.29
N ALA B 66 6.28 20.38 5.35
CA ALA B 66 7.21 19.80 4.41
C ALA B 66 8.38 20.68 3.95
N THR B 67 9.07 21.29 4.92
CA THR B 67 10.24 22.10 4.62
C THR B 67 11.14 21.95 5.83
N MET B 68 12.45 21.86 5.59
CA MET B 68 13.37 21.73 6.70
C MET B 68 13.23 22.96 7.59
N LYS B 69 12.92 24.09 6.95
CA LYS B 69 12.73 25.36 7.65
C LYS B 69 11.73 25.19 8.79
N GLU B 70 10.53 24.72 8.45
CA GLU B 70 9.48 24.52 9.43
C GLU B 70 9.93 23.48 10.46
N TYR B 71 10.49 22.37 9.99
CA TYR B 71 10.97 21.31 10.87
C TYR B 71 11.80 21.91 12.01
N LEU B 72 12.76 22.74 11.61
CA LEU B 72 13.68 23.38 12.57
C LEU B 72 12.94 24.25 13.60
N GLU B 73 11.96 25.02 13.13
CA GLU B 73 11.23 25.86 14.06
C GLU B 73 10.17 25.15 14.89
N ILE B 74 9.94 23.85 14.65
CA ILE B 74 8.95 23.14 15.45
C ILE B 74 9.47 21.92 16.18
N SER B 75 10.49 21.26 15.62
CA SER B 75 11.04 20.08 16.28
C SER B 75 11.63 20.44 17.64
N SER B 76 11.57 19.50 18.56
CA SER B 76 12.12 19.69 19.90
C SER B 76 13.41 18.88 20.06
N ILE B 77 13.84 18.22 18.99
CA ILE B 77 15.07 17.42 19.01
C ILE B 77 16.29 18.31 18.82
N GLN B 78 17.29 18.09 19.66
CA GLN B 78 18.52 18.84 19.64
C GLN B 78 19.44 18.40 18.50
N GLU B 79 19.57 19.20 17.44
CA GLU B 79 20.46 18.81 16.36
C GLU B 79 21.80 18.45 16.98
N ALA B 80 22.58 17.66 16.25
CA ALA B 80 23.86 17.18 16.72
C ALA B 80 24.98 18.21 16.80
N ALA B 81 25.41 18.51 18.02
CA ALA B 81 26.54 19.41 18.19
C ALA B 81 27.59 18.45 17.63
N TYR B 82 28.73 18.93 17.17
CA TYR B 82 29.66 17.94 16.63
C TYR B 82 30.60 17.34 17.66
N GLY B 83 31.44 16.42 17.20
CA GLY B 83 32.42 15.78 18.06
C GLY B 83 31.98 14.80 19.13
N GLU B 84 30.72 14.37 19.14
CA GLU B 84 30.28 13.41 20.17
C GLU B 84 31.13 12.14 20.25
N THR B 85 30.86 11.34 21.27
CA THR B 85 31.55 10.06 21.48
C THR B 85 30.65 8.98 20.92
N ALA B 86 31.21 7.79 20.73
CA ALA B 86 30.41 6.68 20.24
C ALA B 86 29.30 6.46 21.29
N GLU B 87 29.74 6.39 22.56
CA GLU B 87 28.81 6.20 23.67
C GLU B 87 27.94 7.44 23.78
N GLY B 88 28.55 8.60 23.55
CA GLY B 88 27.78 9.83 23.60
C GLY B 88 26.60 9.79 22.64
N MET B 89 26.86 9.34 21.42
CA MET B 89 25.82 9.24 20.39
C MET B 89 24.71 8.29 20.81
N VAL B 90 25.10 7.11 21.31
CA VAL B 90 24.12 6.12 21.75
C VAL B 90 23.30 6.72 22.86
N GLU B 91 23.99 7.36 23.79
CA GLU B 91 23.39 8.01 24.94
C GLU B 91 22.46 9.10 24.44
N ALA B 92 22.92 9.84 23.44
CA ALA B 92 22.17 10.93 22.84
C ALA B 92 20.80 10.59 22.24
N ILE B 93 20.76 9.66 21.28
CA ILE B 93 19.48 9.33 20.65
C ILE B 93 18.63 8.51 21.61
N MET B 94 19.27 7.83 22.54
CA MET B 94 18.51 7.06 23.50
C MET B 94 17.63 8.05 24.29
N LYS B 95 18.22 9.15 24.69
CA LYS B 95 17.48 10.17 25.44
C LYS B 95 16.39 10.73 24.54
N ASP B 96 16.74 10.96 23.29
CA ASP B 96 15.79 11.51 22.32
C ASP B 96 14.57 10.60 22.21
N TYR B 97 14.81 9.30 22.16
CA TYR B 97 13.72 8.33 22.05
C TYR B 97 12.81 8.41 23.27
N GLU B 98 13.43 8.43 24.45
CA GLU B 98 12.68 8.50 25.71
C GLU B 98 11.87 9.78 25.81
N MET B 99 12.47 10.89 25.40
CA MET B 99 11.76 12.16 25.47
C MET B 99 10.60 12.14 24.48
N MET B 100 10.66 11.23 23.51
CA MET B 100 9.60 11.11 22.52
C MET B 100 8.49 10.19 23.01
N LEU B 101 8.84 9.26 23.89
CA LEU B 101 7.83 8.37 24.42
C LEU B 101 6.77 9.22 25.11
N VAL B 102 7.21 10.19 25.92
CA VAL B 102 6.27 11.05 26.63
C VAL B 102 5.36 11.81 25.66
N GLU B 103 5.96 12.46 24.66
CA GLU B 103 5.16 13.20 23.70
C GLU B 103 4.17 12.28 22.99
N LEU B 104 4.53 11.01 22.89
CA LEU B 104 3.65 10.06 22.23
C LEU B 104 2.46 9.72 23.11
N LYS B 105 2.72 9.42 24.39
CA LYS B 105 1.64 9.10 25.31
C LYS B 105 0.64 10.25 25.24
N LYS B 106 1.17 11.47 25.37
CA LYS B 106 0.34 12.66 25.29
C LYS B 106 -0.43 12.63 23.97
N GLY B 107 0.29 12.31 22.88
CA GLY B 107 -0.32 12.25 21.57
C GLY B 107 -1.46 11.26 21.45
N MET B 108 -1.38 10.13 22.13
CA MET B 108 -2.43 9.15 22.06
C MET B 108 -3.62 9.60 22.88
N GLU B 109 -3.33 10.32 23.95
CA GLU B 109 -4.37 10.86 24.82
C GLU B 109 -5.30 11.71 23.97
N ILE B 110 -4.75 12.77 23.39
CA ILE B 110 -5.51 13.70 22.55
C ILE B 110 -6.15 13.03 21.34
N ALA B 111 -5.46 12.05 20.77
CA ALA B 111 -5.98 11.32 19.61
C ALA B 111 -7.27 10.62 20.03
N GLN B 112 -7.20 9.94 21.17
CA GLN B 112 -8.36 9.25 21.72
C GLN B 112 -9.47 10.24 22.08
N ASN B 113 -9.08 11.37 22.67
CA ASN B 113 -10.02 12.39 23.07
C ASN B 113 -10.72 13.00 21.87
N SER B 114 -10.02 13.04 20.74
CA SER B 114 -10.60 13.59 19.52
C SER B 114 -11.29 12.48 18.72
N ASP B 115 -11.55 11.36 19.40
CA ASP B 115 -12.19 10.20 18.77
C ASP B 115 -11.42 9.74 17.54
N ASP B 116 -10.13 9.43 17.75
CA ASP B 116 -9.29 8.98 16.66
C ASP B 116 -8.32 7.93 17.16
N GLU B 117 -8.82 6.76 17.53
CA GLU B 117 -7.90 5.75 18.01
C GLU B 117 -7.05 5.20 16.88
N MET B 118 -7.44 5.54 15.65
CA MET B 118 -6.66 5.11 14.49
C MET B 118 -5.26 5.71 14.65
N THR B 119 -5.21 7.03 14.67
CA THR B 119 -3.94 7.71 14.82
C THR B 119 -3.26 7.23 16.10
N SER B 120 -4.06 6.99 17.13
CA SER B 120 -3.49 6.53 18.39
C SER B 120 -2.77 5.21 18.19
N ASP B 121 -3.40 4.32 17.43
CA ASP B 121 -2.82 3.01 17.14
C ASP B 121 -1.49 3.19 16.43
N LEU B 122 -1.46 4.09 15.45
CA LEU B 122 -0.25 4.36 14.71
C LEU B 122 0.85 4.78 15.69
N LEU B 123 0.52 5.75 16.53
CA LEU B 123 1.47 6.24 17.52
C LEU B 123 1.88 5.14 18.50
N LEU B 124 0.93 4.31 18.89
CA LEU B 124 1.20 3.22 19.81
C LEU B 124 2.32 2.33 19.27
N GLY B 125 2.29 2.08 17.96
CA GLY B 125 3.31 1.25 17.34
C GLY B 125 4.71 1.82 17.51
N ILE B 126 4.86 3.11 17.20
CA ILE B 126 6.14 3.80 17.31
C ILE B 126 6.65 3.68 18.75
N TYR B 127 5.72 3.84 19.70
CA TYR B 127 6.01 3.76 21.12
C TYR B 127 6.66 2.42 21.44
N THR B 128 6.00 1.35 21.01
CA THR B 128 6.49 0.01 21.23
C THR B 128 7.89 -0.11 20.63
N GLU B 129 8.04 0.37 19.40
CA GLU B 129 9.32 0.33 18.70
C GLU B 129 10.45 0.96 19.50
N LEU B 130 10.25 2.23 19.83
CA LEU B 130 11.27 2.96 20.58
C LEU B 130 11.60 2.33 21.94
N GLU B 131 10.58 1.87 22.67
CA GLU B 131 10.79 1.25 23.98
C GLU B 131 11.79 0.11 23.92
N LYS B 132 11.71 -0.71 22.87
CA LYS B 132 12.62 -1.83 22.69
C LYS B 132 14.02 -1.27 22.44
N HIS B 133 14.13 -0.33 21.51
CA HIS B 133 15.41 0.27 21.20
C HIS B 133 16.06 0.83 22.47
N ALA B 134 15.28 1.64 23.21
CA ALA B 134 15.79 2.24 24.45
C ALA B 134 16.43 1.18 25.34
N TRP B 135 15.78 0.03 25.48
CA TRP B 135 16.31 -1.04 26.31
C TRP B 135 17.66 -1.55 25.78
N MET B 136 17.71 -1.84 24.49
CA MET B 136 18.93 -2.34 23.89
C MET B 136 20.03 -1.28 23.95
N LEU B 137 19.67 -0.05 23.62
CA LEU B 137 20.62 1.06 23.67
C LEU B 137 21.15 1.14 25.10
N ARG B 138 20.22 1.17 26.05
CA ARG B 138 20.55 1.25 27.46
C ARG B 138 21.46 0.10 27.89
N ALA B 139 21.07 -1.12 27.57
CA ALA B 139 21.86 -2.30 27.94
C ALA B 139 23.26 -2.24 27.33
N PHE B 140 23.38 -1.54 26.22
CA PHE B 140 24.64 -1.38 25.54
C PHE B 140 25.56 -0.56 26.43
N LEU B 141 24.98 0.45 27.07
CA LEU B 141 25.70 1.34 27.98
C LEU B 141 25.85 0.76 29.38
N ASN B 142 24.80 0.86 30.19
CA ASN B 142 24.80 0.35 31.57
C ASN B 142 25.61 -0.93 31.78
N GLN C 1 -25.82 -7.98 18.01
CA GLN C 1 -24.53 -8.70 18.25
C GLN C 1 -23.41 -8.11 17.41
N VAL C 2 -22.19 -8.53 17.72
CA VAL C 2 -21.02 -8.09 16.99
C VAL C 2 -21.03 -8.90 15.71
N ILE C 3 -21.47 -10.15 15.82
CA ILE C 3 -21.54 -11.04 14.66
C ILE C 3 -22.33 -10.39 13.53
N GLU C 4 -23.29 -9.56 13.88
CA GLU C 4 -24.09 -8.90 12.88
C GLU C 4 -23.31 -7.79 12.19
N VAL C 5 -22.48 -7.09 12.95
CA VAL C 5 -21.66 -6.03 12.39
C VAL C 5 -20.73 -6.69 11.36
N LEU C 6 -20.05 -7.74 11.81
CA LEU C 6 -19.12 -8.48 10.97
C LEU C 6 -19.80 -9.06 9.73
N ASN C 7 -20.96 -9.67 9.92
CA ASN C 7 -21.64 -10.27 8.78
C ASN C 7 -22.07 -9.25 7.75
N LYS C 8 -22.29 -8.00 8.19
CA LYS C 8 -22.66 -6.98 7.22
C LYS C 8 -21.40 -6.61 6.47
N GLN C 9 -20.28 -6.64 7.18
CA GLN C 9 -18.98 -6.36 6.60
C GLN C 9 -18.76 -7.40 5.51
N VAL C 10 -18.98 -8.67 5.86
CA VAL C 10 -18.79 -9.74 4.89
C VAL C 10 -19.60 -9.47 3.64
N ALA C 11 -20.88 -9.19 3.82
CA ALA C 11 -21.77 -8.90 2.71
C ALA C 11 -21.28 -7.70 1.91
N ASP C 12 -20.98 -6.61 2.61
CA ASP C 12 -20.50 -5.42 1.92
C ASP C 12 -19.24 -5.73 1.11
N TRP C 13 -18.23 -6.32 1.76
CA TRP C 13 -17.01 -6.65 1.04
C TRP C 13 -17.25 -7.55 -0.15
N SER C 14 -18.17 -8.50 0.00
CA SER C 14 -18.49 -9.42 -1.09
C SER C 14 -19.01 -8.66 -2.30
N VAL C 15 -19.82 -7.65 -2.01
CA VAL C 15 -20.38 -6.84 -3.08
C VAL C 15 -19.25 -6.03 -3.71
N LEU C 16 -18.43 -5.40 -2.87
CA LEU C 16 -17.31 -4.61 -3.35
C LEU C 16 -16.48 -5.47 -4.30
N PHE C 17 -16.21 -6.72 -3.90
CA PHE C 17 -15.42 -7.66 -4.71
C PHE C 17 -15.88 -7.70 -6.17
N THR C 18 -17.18 -7.90 -6.36
CA THR C 18 -17.76 -7.96 -7.70
C THR C 18 -17.75 -6.57 -8.35
N LYS C 19 -18.17 -5.56 -7.59
CA LYS C 19 -18.24 -4.20 -8.09
C LYS C 19 -16.86 -3.72 -8.58
N LEU C 20 -15.81 -4.13 -7.88
CA LEU C 20 -14.44 -3.76 -8.24
C LEU C 20 -13.99 -4.48 -9.50
N HIS C 21 -14.50 -5.70 -9.69
CA HIS C 21 -14.19 -6.46 -10.90
C HIS C 21 -14.82 -5.75 -12.08
N ASN C 22 -16.07 -5.34 -11.88
CA ASN C 22 -16.84 -4.62 -12.90
C ASN C 22 -16.01 -3.43 -13.37
N PHE C 23 -15.63 -2.58 -12.43
CA PHE C 23 -14.81 -1.41 -12.76
C PHE C 23 -13.48 -1.85 -13.37
N HIS C 24 -12.96 -2.96 -12.86
CA HIS C 24 -11.70 -3.51 -13.37
C HIS C 24 -11.92 -3.79 -14.85
N TRP C 25 -13.04 -4.43 -15.20
CA TRP C 25 -13.34 -4.79 -16.58
C TRP C 25 -13.85 -3.67 -17.51
N TYR C 26 -14.70 -2.80 -17.00
CA TYR C 26 -15.29 -1.76 -17.83
C TYR C 26 -14.61 -0.38 -17.88
N VAL C 27 -13.58 -0.16 -17.07
CA VAL C 27 -12.91 1.14 -17.09
C VAL C 27 -12.34 1.46 -18.49
N LYS C 28 -12.27 2.76 -18.83
CA LYS C 28 -11.76 3.22 -20.14
C LYS C 28 -11.10 4.59 -20.05
N GLY C 29 -10.33 4.95 -21.07
CA GLY C 29 -9.67 6.24 -21.05
C GLY C 29 -8.16 6.18 -20.93
N PRO C 30 -7.49 7.34 -20.84
CA PRO C 30 -6.04 7.42 -20.73
C PRO C 30 -5.56 6.99 -19.35
N GLN C 31 -6.50 6.67 -18.48
CA GLN C 31 -6.18 6.23 -17.13
C GLN C 31 -6.46 4.74 -17.01
N PHE C 32 -6.76 4.12 -18.14
CA PHE C 32 -7.09 2.71 -18.18
C PHE C 32 -6.13 1.84 -17.41
N PHE C 33 -4.92 1.74 -17.95
CA PHE C 33 -3.90 0.91 -17.35
C PHE C 33 -3.70 1.15 -15.87
N THR C 34 -3.53 2.39 -15.48
CA THR C 34 -3.32 2.66 -14.07
C THR C 34 -4.57 2.31 -13.24
N LEU C 35 -5.77 2.62 -13.74
CA LEU C 35 -6.99 2.31 -12.99
C LEU C 35 -7.39 0.83 -13.07
N HIS C 36 -7.13 0.21 -14.22
CA HIS C 36 -7.42 -1.21 -14.42
C HIS C 36 -6.67 -1.95 -13.34
N GLU C 37 -5.45 -1.49 -13.10
CA GLU C 37 -4.58 -2.07 -12.10
C GLU C 37 -5.07 -1.80 -10.68
N LYS C 38 -5.24 -0.52 -10.34
CA LYS C 38 -5.68 -0.16 -9.01
C LYS C 38 -6.90 -0.95 -8.54
N PHE C 39 -7.91 -1.07 -9.39
CA PHE C 39 -9.11 -1.82 -8.99
C PHE C 39 -8.80 -3.29 -8.65
N GLU C 40 -7.88 -3.91 -9.38
CA GLU C 40 -7.52 -5.30 -9.10
C GLU C 40 -6.87 -5.38 -7.73
N GLU C 41 -6.10 -4.35 -7.40
CA GLU C 41 -5.42 -4.24 -6.12
C GLU C 41 -6.50 -4.17 -5.05
N LEU C 42 -7.50 -3.34 -5.31
CA LEU C 42 -8.61 -3.17 -4.38
C LEU C 42 -9.48 -4.41 -4.18
N TYR C 43 -9.85 -5.12 -5.25
CA TYR C 43 -10.68 -6.32 -5.05
C TYR C 43 -9.88 -7.46 -4.45
N THR C 44 -8.56 -7.40 -4.58
CA THR C 44 -7.71 -8.41 -3.98
C THR C 44 -7.82 -8.16 -2.47
N GLU C 45 -7.67 -6.90 -2.06
CA GLU C 45 -7.79 -6.52 -0.65
C GLU C 45 -9.17 -6.87 -0.13
N SER C 46 -10.19 -6.59 -0.92
CA SER C 46 -11.56 -6.88 -0.51
C SER C 46 -11.66 -8.36 -0.17
N ALA C 47 -11.15 -9.21 -1.05
CA ALA C 47 -11.21 -10.65 -0.82
C ALA C 47 -10.51 -11.00 0.50
N THR C 48 -9.43 -10.29 0.83
CA THR C 48 -8.76 -10.57 2.09
C THR C 48 -9.72 -10.31 3.26
N HIS C 49 -10.36 -9.16 3.25
CA HIS C 49 -11.31 -8.81 4.32
C HIS C 49 -12.41 -9.87 4.47
N ILE C 50 -12.99 -10.28 3.35
CA ILE C 50 -14.04 -11.28 3.36
C ILE C 50 -13.68 -12.51 4.19
N ASP C 51 -12.45 -12.98 4.05
CA ASP C 51 -12.03 -14.18 4.76
C ASP C 51 -11.63 -13.90 6.21
N GLU C 52 -10.94 -12.80 6.45
CA GLU C 52 -10.53 -12.47 7.81
C GLU C 52 -11.76 -12.30 8.69
N ILE C 53 -12.64 -11.41 8.25
CA ILE C 53 -13.87 -11.11 8.98
C ILE C 53 -14.66 -12.40 9.25
N ALA C 54 -14.94 -13.14 8.18
CA ALA C 54 -15.68 -14.40 8.30
C ALA C 54 -15.03 -15.28 9.36
N GLU C 55 -13.73 -15.48 9.22
CA GLU C 55 -13.00 -16.30 10.15
C GLU C 55 -12.95 -15.65 11.53
N ARG C 56 -13.23 -14.36 11.59
CA ARG C 56 -13.24 -13.69 12.88
C ARG C 56 -14.51 -14.10 13.63
N ILE C 57 -15.64 -13.89 12.98
CA ILE C 57 -16.91 -14.24 13.60
C ILE C 57 -16.89 -15.74 13.84
N LEU C 58 -16.21 -16.44 12.97
CA LEU C 58 -16.09 -17.89 13.08
C LEU C 58 -15.31 -18.21 14.35
N ALA C 59 -14.38 -17.32 14.72
CA ALA C 59 -13.55 -17.51 15.92
C ALA C 59 -14.28 -17.10 17.19
N ILE C 60 -15.34 -16.33 17.04
CA ILE C 60 -16.09 -15.90 18.21
C ILE C 60 -17.43 -16.64 18.30
N GLY C 61 -17.47 -17.85 17.75
CA GLY C 61 -18.67 -18.67 17.80
C GLY C 61 -19.83 -18.30 16.88
N GLY C 62 -19.59 -17.36 15.96
CA GLY C 62 -20.65 -16.96 15.06
C GLY C 62 -20.71 -17.81 13.81
N LYS C 63 -21.73 -17.56 13.00
CA LYS C 63 -21.92 -18.27 11.74
C LYS C 63 -21.96 -17.24 10.61
N PRO C 64 -20.88 -17.16 9.82
CA PRO C 64 -20.77 -16.23 8.70
C PRO C 64 -21.74 -16.45 7.56
N VAL C 65 -22.36 -15.36 7.11
CA VAL C 65 -23.29 -15.44 5.99
C VAL C 65 -22.45 -15.94 4.82
N ALA C 66 -22.99 -16.87 4.04
CA ALA C 66 -22.21 -17.40 2.94
C ALA C 66 -22.97 -17.75 1.67
N THR C 67 -23.79 -16.82 1.19
CA THR C 67 -24.52 -17.00 -0.07
C THR C 67 -24.66 -15.62 -0.63
N MET C 68 -24.54 -15.50 -1.94
CA MET C 68 -24.67 -14.21 -2.56
C MET C 68 -26.08 -13.71 -2.27
N LYS C 69 -27.03 -14.64 -2.19
CA LYS C 69 -28.41 -14.29 -1.92
C LYS C 69 -28.52 -13.44 -0.65
N GLU C 70 -27.95 -13.93 0.44
CA GLU C 70 -27.99 -13.21 1.71
C GLU C 70 -27.25 -11.90 1.56
N TYR C 71 -26.05 -11.95 0.98
CA TYR C 71 -25.25 -10.75 0.78
C TYR C 71 -26.10 -9.63 0.20
N LEU C 72 -26.82 -9.95 -0.87
CA LEU C 72 -27.67 -8.98 -1.55
C LEU C 72 -28.76 -8.40 -0.64
N GLU C 73 -29.39 -9.25 0.16
CA GLU C 73 -30.44 -8.74 1.03
C GLU C 73 -29.92 -8.05 2.30
N ILE C 74 -28.60 -8.06 2.52
CA ILE C 74 -28.09 -7.38 3.70
C ILE C 74 -27.08 -6.28 3.42
N SER C 75 -26.31 -6.41 2.35
CA SER C 75 -25.34 -5.36 2.03
C SER C 75 -26.01 -4.03 1.76
N SER C 76 -25.31 -2.95 2.09
CA SER C 76 -25.83 -1.61 1.86
C SER C 76 -25.10 -0.96 0.69
N ILE C 77 -24.22 -1.73 0.05
CA ILE C 77 -23.45 -1.22 -1.09
C ILE C 77 -24.24 -1.37 -2.35
N GLN C 78 -24.25 -0.30 -3.13
CA GLN C 78 -24.98 -0.27 -4.37
C GLN C 78 -24.20 -1.02 -5.43
N GLU C 79 -24.82 -2.03 -6.03
CA GLU C 79 -24.16 -2.81 -7.07
C GLU C 79 -23.99 -1.89 -8.27
N ALA C 80 -22.86 -2.02 -8.95
CA ALA C 80 -22.59 -1.16 -10.08
C ALA C 80 -23.69 -1.14 -11.12
N ALA C 81 -24.05 0.08 -11.53
CA ALA C 81 -25.02 0.28 -12.59
C ALA C 81 -23.98 0.34 -13.69
N TYR C 82 -24.32 0.10 -14.94
CA TYR C 82 -23.27 0.16 -15.94
C TYR C 82 -23.01 1.54 -16.48
N GLY C 83 -22.21 1.60 -17.54
CA GLY C 83 -21.88 2.86 -18.19
C GLY C 83 -21.17 3.93 -17.40
N GLU C 84 -20.68 3.63 -16.19
CA GLU C 84 -19.99 4.66 -15.43
C GLU C 84 -18.81 5.22 -16.20
N THR C 85 -18.16 6.18 -15.58
CA THR C 85 -16.98 6.83 -16.14
C THR C 85 -15.80 6.34 -15.34
N ALA C 86 -14.60 6.56 -15.86
CA ALA C 86 -13.40 6.18 -15.14
C ALA C 86 -13.44 6.95 -13.82
N GLU C 87 -13.68 8.26 -13.94
CA GLU C 87 -13.76 9.12 -12.76
C GLU C 87 -14.97 8.70 -11.95
N GLY C 88 -16.05 8.36 -12.65
CA GLY C 88 -17.26 7.94 -11.97
C GLY C 88 -16.96 6.77 -11.04
N MET C 89 -16.25 5.78 -11.56
CA MET C 89 -15.90 4.60 -10.79
C MET C 89 -15.07 4.96 -9.57
N VAL C 90 -14.04 5.78 -9.77
CA VAL C 90 -13.19 6.18 -8.66
C VAL C 90 -14.02 6.90 -7.61
N GLU C 91 -14.86 7.79 -8.11
CA GLU C 91 -15.75 8.58 -7.28
C GLU C 91 -16.68 7.62 -6.55
N ALA C 92 -17.18 6.63 -7.28
CA ALA C 92 -18.10 5.64 -6.73
C ALA C 92 -17.61 4.81 -5.54
N ILE C 93 -16.47 4.13 -5.68
CA ILE C 93 -15.99 3.30 -4.58
C ILE C 93 -15.41 4.18 -3.49
N MET C 94 -14.99 5.38 -3.87
CA MET C 94 -14.46 6.27 -2.86
C MET C 94 -15.58 6.59 -1.86
N LYS C 95 -16.76 6.87 -2.38
CA LYS C 95 -17.92 7.15 -1.53
C LYS C 95 -18.25 5.90 -0.72
N ASP C 96 -18.18 4.75 -1.39
CA ASP C 96 -18.47 3.48 -0.74
C ASP C 96 -17.55 3.29 0.47
N TYR C 97 -16.27 3.61 0.29
CA TYR C 97 -15.31 3.46 1.37
C TYR C 97 -15.67 4.38 2.55
N GLU C 98 -16.00 5.62 2.22
CA GLU C 98 -16.36 6.60 3.23
C GLU C 98 -17.60 6.20 3.99
N MET C 99 -18.60 5.72 3.26
CA MET C 99 -19.84 5.29 3.90
C MET C 99 -19.57 4.10 4.80
N MET C 100 -18.45 3.42 4.57
CA MET C 100 -18.09 2.27 5.36
C MET C 100 -17.31 2.68 6.60
N LEU C 101 -16.63 3.81 6.51
CA LEU C 101 -15.89 4.26 7.67
C LEU C 101 -16.86 4.47 8.83
N VAL C 102 -18.00 5.09 8.54
CA VAL C 102 -19.00 5.34 9.58
C VAL C 102 -19.49 4.03 10.19
N GLU C 103 -19.88 3.07 9.34
CA GLU C 103 -20.37 1.80 9.85
C GLU C 103 -19.31 1.11 10.69
N LEU C 104 -18.05 1.41 10.39
CA LEU C 104 -16.97 0.79 11.12
C LEU C 104 -16.84 1.40 12.50
N LYS C 105 -16.85 2.73 12.56
CA LYS C 105 -16.75 3.42 13.85
C LYS C 105 -17.85 2.85 14.74
N LYS C 106 -19.06 2.78 14.20
CA LYS C 106 -20.19 2.24 14.94
C LYS C 106 -19.84 0.83 15.36
N GLY C 107 -19.29 0.06 14.42
CA GLY C 107 -18.92 -1.30 14.70
C GLY C 107 -17.92 -1.47 15.84
N MET C 108 -16.98 -0.55 15.98
CA MET C 108 -15.99 -0.64 17.04
C MET C 108 -16.62 -0.27 18.37
N GLU C 109 -17.58 0.64 18.29
CA GLU C 109 -18.31 1.09 19.47
C GLU C 109 -18.91 -0.13 20.14
N ILE C 110 -19.82 -0.78 19.42
CA ILE C 110 -20.51 -1.97 19.90
C ILE C 110 -19.57 -3.12 20.26
N ALA C 111 -18.49 -3.25 19.51
CA ALA C 111 -17.52 -4.30 19.78
C ALA C 111 -16.95 -4.05 21.15
N GLN C 112 -16.56 -2.80 21.39
CA GLN C 112 -15.99 -2.40 22.67
C GLN C 112 -17.00 -2.55 23.79
N ASN C 113 -18.25 -2.19 23.50
CA ASN C 113 -19.32 -2.28 24.48
C ASN C 113 -19.62 -3.73 24.84
N SER C 114 -19.39 -4.63 23.90
CA SER C 114 -19.63 -6.04 24.15
C SER C 114 -18.36 -6.70 24.66
N ASP C 115 -17.44 -5.88 25.15
CA ASP C 115 -16.16 -6.36 25.67
C ASP C 115 -15.44 -7.22 24.64
N ASP C 116 -15.18 -6.64 23.47
CA ASP C 116 -14.49 -7.36 22.41
C ASP C 116 -13.61 -6.40 21.64
N GLU C 117 -12.54 -5.91 22.27
CA GLU C 117 -11.68 -4.99 21.54
C GLU C 117 -10.89 -5.72 20.47
N MET C 118 -10.91 -7.05 20.54
CA MET C 118 -10.22 -7.85 19.53
C MET C 118 -10.85 -7.51 18.19
N THR C 119 -12.14 -7.80 18.07
CA THR C 119 -12.84 -7.50 16.84
C THR C 119 -12.70 -6.02 16.52
N SER C 120 -12.69 -5.18 17.54
CA SER C 120 -12.56 -3.75 17.31
C SER C 120 -11.22 -3.47 16.63
N ASP C 121 -10.18 -4.14 17.10
CA ASP C 121 -8.85 -3.97 16.53
C ASP C 121 -8.87 -4.36 15.07
N LEU C 122 -9.50 -5.48 14.77
CA LEU C 122 -9.61 -5.94 13.39
C LEU C 122 -10.25 -4.85 12.56
N LEU C 123 -11.38 -4.35 13.03
CA LEU C 123 -12.12 -3.30 12.33
C LEU C 123 -11.29 -2.02 12.21
N LEU C 124 -10.55 -1.70 13.26
CA LEU C 124 -9.72 -0.50 13.26
C LEU C 124 -8.73 -0.54 12.09
N GLY C 125 -8.18 -1.71 11.81
CA GLY C 125 -7.23 -1.85 10.72
C GLY C 125 -7.83 -1.49 9.39
N ILE C 126 -9.01 -2.06 9.11
CA ILE C 126 -9.71 -1.80 7.86
C ILE C 126 -9.95 -0.30 7.72
N TYR C 127 -10.31 0.32 8.84
CA TYR C 127 -10.58 1.75 8.89
C TYR C 127 -9.36 2.51 8.40
N THR C 128 -8.22 2.21 8.99
CA THR C 128 -6.98 2.84 8.63
C THR C 128 -6.73 2.64 7.14
N GLU C 129 -6.91 1.41 6.67
CA GLU C 129 -6.70 1.08 5.28
C GLU C 129 -7.54 1.94 4.34
N LEU C 130 -8.84 1.94 4.54
CA LEU C 130 -9.74 2.72 3.70
C LEU C 130 -9.46 4.22 3.73
N GLU C 131 -9.17 4.76 4.91
CA GLU C 131 -8.88 6.19 5.04
C GLU C 131 -7.75 6.65 4.11
N LYS C 132 -6.72 5.83 3.99
CA LYS C 132 -5.59 6.14 3.13
C LYS C 132 -6.08 6.13 1.69
N HIS C 133 -6.78 5.05 1.32
CA HIS C 133 -7.31 4.93 -0.03
C HIS C 133 -8.16 6.15 -0.38
N ALA C 134 -9.11 6.47 0.49
CA ALA C 134 -9.99 7.61 0.26
C ALA C 134 -9.19 8.87 -0.09
N TRP C 135 -8.10 9.09 0.63
CA TRP C 135 -7.25 10.25 0.38
C TRP C 135 -6.65 10.20 -1.02
N MET C 136 -6.04 9.07 -1.37
CA MET C 136 -5.43 8.91 -2.67
C MET C 136 -6.48 8.97 -3.78
N LEU C 137 -7.60 8.29 -3.57
CA LEU C 137 -8.67 8.32 -4.56
C LEU C 137 -9.11 9.77 -4.71
N ARG C 138 -9.35 10.42 -3.58
CA ARG C 138 -9.77 11.82 -3.58
C ARG C 138 -8.78 12.72 -4.31
N ALA C 139 -7.50 12.61 -3.95
CA ALA C 139 -6.45 13.42 -4.57
C ALA C 139 -6.38 13.19 -6.08
N PHE C 140 -6.80 12.00 -6.49
CA PHE C 140 -6.80 11.64 -7.90
C PHE C 140 -7.82 12.51 -8.62
N LEU C 141 -8.95 12.73 -7.94
CA LEU C 141 -10.04 13.56 -8.47
C LEU C 141 -9.79 15.06 -8.27
N ASN C 142 -10.08 15.52 -7.06
CA ASN C 142 -9.90 16.93 -6.70
C ASN C 142 -8.73 17.62 -7.39
N GLN D 1 -24.82 -16.82 -28.79
CA GLN D 1 -23.43 -16.32 -28.95
C GLN D 1 -22.49 -17.05 -28.02
N VAL D 2 -21.19 -16.82 -28.23
CA VAL D 2 -20.15 -17.42 -27.42
C VAL D 2 -20.11 -16.62 -26.14
N ILE D 3 -20.38 -15.31 -26.27
CA ILE D 3 -20.40 -14.40 -25.13
C ILE D 3 -21.34 -14.93 -24.04
N GLU D 4 -22.39 -15.61 -24.48
CA GLU D 4 -23.36 -16.14 -23.53
C GLU D 4 -22.81 -17.34 -22.81
N VAL D 5 -22.04 -18.15 -23.52
CA VAL D 5 -21.44 -19.32 -22.89
C VAL D 5 -20.51 -18.79 -21.80
N LEU D 6 -19.63 -17.88 -22.20
CA LEU D 6 -18.68 -17.28 -21.30
C LEU D 6 -19.33 -16.60 -20.12
N ASN D 7 -20.36 -15.82 -20.38
CA ASN D 7 -21.04 -15.12 -19.29
C ASN D 7 -21.68 -16.05 -18.29
N LYS D 8 -22.05 -17.24 -18.74
CA LYS D 8 -22.64 -18.19 -17.80
C LYS D 8 -21.51 -18.75 -16.96
N GLN D 9 -20.35 -18.88 -17.58
CA GLN D 9 -19.16 -19.38 -16.90
C GLN D 9 -18.86 -18.39 -15.80
N VAL D 10 -18.85 -17.11 -16.15
CA VAL D 10 -18.58 -16.07 -15.18
C VAL D 10 -19.50 -16.21 -13.99
N ALA D 11 -20.79 -16.27 -14.28
CA ALA D 11 -21.78 -16.41 -13.22
C ALA D 11 -21.53 -17.68 -12.39
N ASP D 12 -21.38 -18.81 -13.07
CA ASP D 12 -21.13 -20.04 -12.35
C ASP D 12 -19.91 -19.91 -11.45
N TRP D 13 -18.79 -19.50 -12.02
CA TRP D 13 -17.58 -19.38 -11.22
C TRP D 13 -17.76 -18.45 -10.05
N SER D 14 -18.50 -17.37 -10.27
CA SER D 14 -18.71 -16.40 -9.20
C SER D 14 -19.45 -17.07 -8.05
N VAL D 15 -20.39 -17.94 -8.39
CA VAL D 15 -21.15 -18.64 -7.38
C VAL D 15 -20.20 -19.59 -6.66
N LEU D 16 -19.45 -20.37 -7.45
CA LEU D 16 -18.49 -21.31 -6.88
C LEU D 16 -17.60 -20.58 -5.88
N PHE D 17 -17.11 -19.39 -6.25
CA PHE D 17 -16.26 -18.59 -5.38
C PHE D 17 -16.83 -18.48 -3.97
N THR D 18 -18.09 -18.08 -3.87
CA THR D 18 -18.73 -17.92 -2.58
C THR D 18 -18.99 -19.28 -1.92
N LYS D 19 -19.52 -20.20 -2.71
CA LYS D 19 -19.83 -21.54 -2.23
C LYS D 19 -18.59 -22.22 -1.63
N LEU D 20 -17.44 -21.99 -2.26
CA LEU D 20 -16.17 -22.56 -1.80
C LEU D 20 -15.70 -21.91 -0.51
N HIS D 21 -16.04 -20.62 -0.34
CA HIS D 21 -15.69 -19.90 0.88
C HIS D 21 -16.51 -20.49 2.02
N ASN D 22 -17.78 -20.73 1.72
CA ASN D 22 -18.72 -21.31 2.68
C ASN D 22 -18.12 -22.61 3.21
N PHE D 23 -17.80 -23.51 2.28
CA PHE D 23 -17.22 -24.79 2.67
C PHE D 23 -15.89 -24.57 3.36
N HIS D 24 -15.14 -23.57 2.90
CA HIS D 24 -13.86 -23.23 3.51
C HIS D 24 -14.13 -22.90 4.98
N TRP D 25 -15.17 -22.10 5.23
CA TRP D 25 -15.52 -21.67 6.59
C TRP D 25 -16.28 -22.68 7.49
N TYR D 26 -17.22 -23.42 6.90
CA TYR D 26 -18.02 -24.35 7.68
C TYR D 26 -17.56 -25.81 7.78
N VAL D 27 -16.53 -26.20 7.05
CA VAL D 27 -16.07 -27.59 7.11
C VAL D 27 -15.64 -27.99 8.53
N LYS D 28 -15.80 -29.28 8.88
CA LYS D 28 -15.44 -29.80 10.20
C LYS D 28 -15.02 -31.26 10.15
N GLY D 29 -14.38 -31.74 11.22
CA GLY D 29 -13.94 -33.11 11.26
C GLY D 29 -12.42 -33.28 11.26
N PRO D 30 -11.94 -34.52 11.20
CA PRO D 30 -10.51 -34.84 11.20
C PRO D 30 -9.87 -34.49 9.87
N GLN D 31 -10.68 -34.04 8.93
CA GLN D 31 -10.19 -33.66 7.60
C GLN D 31 -10.22 -32.14 7.47
N PHE D 32 -10.53 -31.47 8.58
CA PHE D 32 -10.63 -30.03 8.61
C PHE D 32 -9.49 -29.32 7.90
N PHE D 33 -8.33 -29.37 8.54
CA PHE D 33 -7.14 -28.75 8.02
C PHE D 33 -6.89 -29.02 6.56
N THR D 34 -6.90 -30.29 6.17
CA THR D 34 -6.65 -30.59 4.78
C THR D 34 -7.76 -30.07 3.86
N LEU D 35 -9.02 -30.18 4.28
CA LEU D 35 -10.12 -29.68 3.44
C LEU D 35 -10.29 -28.16 3.50
N HIS D 36 -10.01 -27.58 4.66
CA HIS D 36 -10.08 -26.14 4.85
C HIS D 36 -9.16 -25.55 3.82
N GLU D 37 -8.01 -26.19 3.68
CA GLU D 37 -6.98 -25.76 2.76
C GLU D 37 -7.42 -25.94 1.31
N LYS D 38 -7.76 -27.17 0.94
CA LYS D 38 -8.15 -27.47 -0.43
C LYS D 38 -9.19 -26.49 -0.97
N PHE D 39 -10.25 -26.23 -0.20
CA PHE D 39 -11.28 -25.31 -0.69
C PHE D 39 -10.72 -23.90 -1.01
N GLU D 40 -9.79 -23.40 -0.20
CA GLU D 40 -9.19 -22.08 -0.46
C GLU D 40 -8.43 -22.13 -1.79
N GLU D 41 -7.80 -23.27 -2.04
CA GLU D 41 -7.06 -23.49 -3.26
C GLU D 41 -8.05 -23.40 -4.43
N LEU D 42 -9.19 -24.05 -4.24
CA LEU D 42 -10.24 -24.06 -5.25
C LEU D 42 -10.88 -22.71 -5.50
N TYR D 43 -11.19 -21.94 -4.46
CA TYR D 43 -11.81 -20.64 -4.72
C TYR D 43 -10.80 -19.65 -5.27
N THR D 44 -9.53 -19.92 -5.02
CA THR D 44 -8.51 -19.04 -5.55
C THR D 44 -8.53 -19.28 -7.06
N GLU D 45 -8.56 -20.55 -7.45
CA GLU D 45 -8.63 -20.92 -8.87
C GLU D 45 -9.90 -20.35 -9.50
N SER D 46 -11.01 -20.48 -8.79
CA SER D 46 -12.28 -19.97 -9.30
C SER D 46 -12.13 -18.50 -9.65
N ALA D 47 -11.56 -17.72 -8.72
CA ALA D 47 -11.37 -16.30 -8.95
C ALA D 47 -10.56 -16.07 -10.21
N THR D 48 -9.58 -16.94 -10.47
CA THR D 48 -8.77 -16.81 -11.67
C THR D 48 -9.67 -16.91 -12.91
N HIS D 49 -10.49 -17.96 -12.95
CA HIS D 49 -11.38 -18.15 -14.08
C HIS D 49 -12.28 -16.95 -14.31
N ILE D 50 -12.89 -16.45 -13.22
CA ILE D 50 -13.76 -15.30 -13.32
C ILE D 50 -13.13 -14.14 -14.11
N ASP D 51 -11.87 -13.85 -13.84
CA ASP D 51 -11.21 -12.74 -14.52
C ASP D 51 -10.77 -13.06 -15.94
N GLU D 52 -10.24 -14.26 -16.16
CA GLU D 52 -9.80 -14.64 -17.51
C GLU D 52 -10.97 -14.64 -18.48
N ILE D 53 -12.03 -15.37 -18.10
CA ILE D 53 -13.21 -15.49 -18.92
C ILE D 53 -13.79 -14.12 -19.24
N ALA D 54 -14.03 -13.33 -18.19
CA ALA D 54 -14.55 -11.96 -18.36
C ALA D 54 -13.69 -11.18 -19.36
N GLU D 55 -12.39 -11.20 -19.13
CA GLU D 55 -11.47 -10.51 -19.99
C GLU D 55 -11.42 -11.19 -21.35
N ARG D 56 -11.90 -12.41 -21.45
CA ARG D 56 -11.90 -13.06 -22.74
C ARG D 56 -13.04 -12.49 -23.57
N ILE D 57 -14.23 -12.49 -23.00
CA ILE D 57 -15.39 -11.98 -23.72
C ILE D 57 -15.11 -10.51 -23.94
N LEU D 58 -14.39 -9.91 -23.01
CA LEU D 58 -14.06 -8.51 -23.10
C LEU D 58 -13.13 -8.31 -24.31
N ALA D 59 -12.34 -9.34 -24.63
CA ALA D 59 -11.40 -9.29 -25.76
C ALA D 59 -12.09 -9.59 -27.09
N ILE D 60 -13.28 -10.17 -27.02
CA ILE D 60 -14.01 -10.49 -28.23
C ILE D 60 -15.20 -9.56 -28.42
N GLY D 61 -15.09 -8.35 -27.87
CA GLY D 61 -16.15 -7.35 -28.00
C GLY D 61 -17.41 -7.53 -27.18
N GLY D 62 -17.39 -8.49 -26.26
CA GLY D 62 -18.56 -8.72 -25.44
C GLY D 62 -18.56 -7.87 -24.18
N LYS D 63 -19.67 -7.94 -23.44
CA LYS D 63 -19.82 -7.20 -22.20
C LYS D 63 -20.10 -8.20 -21.08
N PRO D 64 -19.11 -8.44 -20.22
CA PRO D 64 -19.24 -9.38 -19.10
C PRO D 64 -20.25 -9.01 -18.03
N VAL D 65 -21.05 -9.98 -17.63
CA VAL D 65 -22.03 -9.75 -16.58
C VAL D 65 -21.22 -9.37 -15.35
N ALA D 66 -21.66 -8.36 -14.61
CA ALA D 66 -20.89 -7.94 -13.45
C ALA D 66 -21.68 -7.47 -12.24
N THR D 67 -22.67 -8.25 -11.82
CA THR D 67 -23.44 -7.96 -10.63
C THR D 67 -23.83 -9.31 -10.07
N MET D 68 -23.84 -9.42 -8.75
CA MET D 68 -24.21 -10.69 -8.14
C MET D 68 -25.65 -10.97 -8.53
N LYS D 69 -26.43 -9.90 -8.69
CA LYS D 69 -27.83 -10.00 -9.07
C LYS D 69 -27.97 -10.83 -10.33
N GLU D 70 -27.26 -10.43 -11.39
CA GLU D 70 -27.33 -11.17 -12.64
C GLU D 70 -26.80 -12.58 -12.46
N TYR D 71 -25.66 -12.72 -11.80
CA TYR D 71 -25.07 -14.02 -11.54
C TYR D 71 -26.11 -15.00 -11.03
N LEU D 72 -26.85 -14.56 -10.02
CA LEU D 72 -27.88 -15.37 -9.41
C LEU D 72 -28.99 -15.78 -10.38
N GLU D 73 -29.42 -14.86 -11.23
CA GLU D 73 -30.47 -15.21 -12.19
C GLU D 73 -29.98 -15.98 -13.41
N ILE D 74 -28.67 -16.19 -13.55
CA ILE D 74 -28.18 -16.95 -14.69
C ILE D 74 -27.37 -18.20 -14.36
N SER D 75 -26.67 -18.19 -13.23
CA SER D 75 -25.90 -19.35 -12.83
C SER D 75 -26.80 -20.57 -12.60
N SER D 76 -26.26 -21.75 -12.90
CA SER D 76 -27.00 -22.98 -12.70
C SER D 76 -26.46 -23.73 -11.48
N ILE D 77 -25.51 -23.13 -10.78
CA ILE D 77 -24.93 -23.76 -9.60
C ILE D 77 -25.83 -23.47 -8.39
N GLN D 78 -26.19 -24.48 -7.62
CA GLN D 78 -27.05 -24.23 -6.46
C GLN D 78 -26.19 -23.87 -5.23
N GLU D 79 -26.34 -22.64 -4.74
CA GLU D 79 -25.58 -22.19 -3.57
C GLU D 79 -25.67 -23.18 -2.42
N ALA D 80 -24.81 -22.95 -1.41
CA ALA D 80 -24.76 -23.82 -0.25
C ALA D 80 -26.10 -23.82 0.47
N ALA D 81 -26.29 -24.81 1.34
CA ALA D 81 -27.54 -24.93 2.09
C ALA D 81 -27.20 -25.02 3.58
N TYR D 82 -25.92 -25.01 3.89
CA TYR D 82 -25.44 -25.11 5.27
C TYR D 82 -25.76 -26.51 5.79
N GLY D 83 -25.18 -26.86 6.93
CA GLY D 83 -25.43 -28.15 7.50
C GLY D 83 -24.68 -29.25 6.77
N GLU D 84 -24.12 -28.91 5.60
CA GLU D 84 -23.39 -29.91 4.84
C GLU D 84 -22.30 -30.56 5.68
N THR D 85 -21.93 -31.76 5.25
CA THR D 85 -20.88 -32.58 5.86
C THR D 85 -19.58 -32.29 5.13
N ALA D 86 -18.46 -32.71 5.72
CA ALA D 86 -17.15 -32.51 5.11
C ALA D 86 -17.22 -33.27 3.80
N GLU D 87 -17.68 -34.51 3.88
CA GLU D 87 -17.82 -35.36 2.70
C GLU D 87 -18.89 -34.77 1.79
N GLY D 88 -19.96 -34.28 2.42
CA GLY D 88 -21.03 -33.67 1.66
C GLY D 88 -20.50 -32.56 0.77
N MET D 89 -19.67 -31.70 1.35
CA MET D 89 -19.08 -30.59 0.60
C MET D 89 -18.22 -31.08 -0.56
N VAL D 90 -17.36 -32.05 -0.30
CA VAL D 90 -16.49 -32.59 -1.34
C VAL D 90 -17.35 -33.18 -2.45
N GLU D 91 -18.35 -33.92 -2.02
CA GLU D 91 -19.29 -34.57 -2.91
C GLU D 91 -20.01 -33.48 -3.70
N ALA D 92 -20.39 -32.41 -3.01
CA ALA D 92 -21.11 -31.28 -3.60
C ALA D 92 -20.43 -30.55 -4.76
N ILE D 93 -19.21 -30.04 -4.52
CA ILE D 93 -18.51 -29.32 -5.60
C ILE D 93 -18.01 -30.29 -6.65
N MET D 94 -17.79 -31.54 -6.25
CA MET D 94 -17.35 -32.53 -7.22
C MET D 94 -18.42 -32.66 -8.30
N LYS D 95 -19.67 -32.73 -7.86
CA LYS D 95 -20.80 -32.83 -8.80
C LYS D 95 -20.88 -31.55 -9.61
N ASP D 96 -20.66 -30.43 -8.96
CA ASP D 96 -20.69 -29.14 -9.61
C ASP D 96 -19.68 -29.10 -10.75
N TYR D 97 -18.49 -29.61 -10.50
CA TYR D 97 -17.44 -29.62 -11.52
C TYR D 97 -17.87 -30.48 -12.70
N GLU D 98 -18.38 -31.66 -12.40
CA GLU D 98 -18.81 -32.58 -13.45
C GLU D 98 -19.94 -31.99 -14.29
N MET D 99 -20.88 -31.35 -13.62
CA MET D 99 -21.99 -30.75 -14.35
C MET D 99 -21.49 -29.60 -15.21
N MET D 100 -20.30 -29.11 -14.89
CA MET D 100 -19.71 -28.01 -15.65
C MET D 100 -18.90 -28.55 -16.81
N LEU D 101 -18.41 -29.78 -16.69
CA LEU D 101 -17.67 -30.35 -17.79
C LEU D 101 -18.58 -30.40 -19.03
N VAL D 102 -19.83 -30.84 -18.82
CA VAL D 102 -20.77 -30.95 -19.92
C VAL D 102 -21.02 -29.58 -20.57
N GLU D 103 -21.30 -28.57 -19.75
CA GLU D 103 -21.55 -27.25 -20.27
C GLU D 103 -20.35 -26.72 -21.04
N LEU D 104 -19.17 -27.19 -20.66
CA LEU D 104 -17.94 -26.77 -21.33
C LEU D 104 -17.83 -27.40 -22.70
N LYS D 105 -18.03 -28.73 -22.76
CA LYS D 105 -17.95 -29.43 -24.04
C LYS D 105 -18.89 -28.71 -25.00
N LYS D 106 -20.11 -28.45 -24.53
CA LYS D 106 -21.09 -27.76 -25.34
C LYS D 106 -20.51 -26.41 -25.74
N GLY D 107 -19.89 -25.73 -24.76
CA GLY D 107 -19.29 -24.44 -25.02
C GLY D 107 -18.21 -24.43 -26.08
N MET D 108 -17.41 -25.49 -26.14
CA MET D 108 -16.34 -25.56 -27.13
C MET D 108 -16.93 -25.83 -28.51
N GLU D 109 -18.02 -26.59 -28.52
CA GLU D 109 -18.72 -26.91 -29.76
C GLU D 109 -19.10 -25.62 -30.45
N ILE D 110 -19.94 -24.84 -29.79
CA ILE D 110 -20.40 -23.57 -30.33
C ILE D 110 -19.26 -22.58 -30.61
N ALA D 111 -18.22 -22.62 -29.78
CA ALA D 111 -17.07 -21.75 -29.96
C ALA D 111 -16.44 -22.08 -31.30
N GLN D 112 -16.23 -23.36 -31.51
CA GLN D 112 -15.64 -23.86 -32.76
C GLN D 112 -16.56 -23.55 -33.94
N ASN D 113 -17.86 -23.73 -33.74
CA ASN D 113 -18.85 -23.48 -34.78
C ASN D 113 -18.90 -22.00 -35.15
N SER D 114 -18.59 -21.14 -34.19
CA SER D 114 -18.60 -19.70 -34.45
C SER D 114 -17.19 -19.25 -34.86
N ASP D 115 -16.37 -20.22 -35.28
CA ASP D 115 -14.99 -19.96 -35.71
C ASP D 115 -14.21 -19.20 -34.64
N ASP D 116 -14.13 -19.79 -33.45
CA ASP D 116 -13.42 -19.17 -32.35
C ASP D 116 -12.75 -20.25 -31.51
N GLU D 117 -11.76 -20.93 -32.08
CA GLU D 117 -11.11 -21.96 -31.29
C GLU D 117 -10.28 -21.34 -30.18
N MET D 118 -10.09 -20.04 -30.24
CA MET D 118 -9.37 -19.34 -29.19
C MET D 118 -10.14 -19.58 -27.90
N THR D 119 -11.38 -19.09 -27.88
CA THR D 119 -12.21 -19.27 -26.72
C THR D 119 -12.30 -20.75 -26.37
N SER D 120 -12.36 -21.59 -27.40
CA SER D 120 -12.46 -23.03 -27.17
C SER D 120 -11.24 -23.51 -26.39
N ASP D 121 -10.07 -23.01 -26.78
CA ASP D 121 -8.84 -23.40 -26.10
C ASP D 121 -8.89 -22.99 -24.64
N LEU D 122 -9.39 -21.78 -24.39
CA LEU D 122 -9.51 -21.30 -23.02
C LEU D 122 -10.37 -22.28 -22.24
N LEU D 123 -11.53 -22.60 -22.79
CA LEU D 123 -12.45 -23.53 -22.16
C LEU D 123 -11.85 -24.92 -21.97
N LEU D 124 -11.11 -25.36 -22.98
CA LEU D 124 -10.47 -26.67 -22.92
C LEU D 124 -9.58 -26.77 -21.67
N GLY D 125 -8.88 -25.69 -21.36
CA GLY D 125 -8.00 -25.68 -20.21
C GLY D 125 -8.73 -25.94 -18.91
N ILE D 126 -9.82 -25.20 -18.71
CA ILE D 126 -10.64 -25.34 -17.51
C ILE D 126 -11.12 -26.79 -17.42
N TYR D 127 -11.51 -27.35 -18.56
CA TYR D 127 -12.00 -28.72 -18.63
C TYR D 127 -10.95 -29.68 -18.07
N THR D 128 -9.73 -29.54 -18.57
CA THR D 128 -8.63 -30.37 -18.12
C THR D 128 -8.45 -30.19 -16.61
N GLU D 129 -8.47 -28.93 -16.16
CA GLU D 129 -8.29 -28.63 -14.76
C GLU D 129 -9.32 -29.35 -13.88
N LEU D 130 -10.60 -29.14 -14.19
CA LEU D 130 -11.65 -29.76 -13.41
C LEU D 130 -11.61 -31.30 -13.44
N GLU D 131 -11.34 -31.88 -14.60
CA GLU D 131 -11.28 -33.34 -14.71
C GLU D 131 -10.31 -33.94 -13.70
N LYS D 132 -9.16 -33.30 -13.51
CA LYS D 132 -8.17 -33.79 -12.57
C LYS D 132 -8.74 -33.69 -11.16
N HIS D 133 -9.31 -32.53 -10.84
CA HIS D 133 -9.90 -32.33 -9.53
C HIS D 133 -10.95 -33.39 -9.24
N ALA D 134 -11.87 -33.57 -10.18
CA ALA D 134 -12.93 -34.55 -10.03
C ALA D 134 -12.36 -35.92 -9.61
N TRP D 135 -11.27 -36.33 -10.25
CA TRP D 135 -10.63 -37.59 -9.94
C TRP D 135 -10.14 -37.62 -8.49
N MET D 136 -9.40 -36.59 -8.09
CA MET D 136 -8.85 -36.53 -6.74
C MET D 136 -9.98 -36.42 -5.73
N LEU D 137 -10.97 -35.58 -6.02
CA LEU D 137 -12.10 -35.44 -5.10
C LEU D 137 -12.77 -36.80 -4.97
N ARG D 138 -13.03 -37.41 -6.13
CA ARG D 138 -13.65 -38.72 -6.17
C ARG D 138 -12.87 -39.76 -5.38
N ALA D 139 -11.56 -39.86 -5.65
CA ALA D 139 -10.69 -40.81 -4.97
C ALA D 139 -10.70 -40.58 -3.45
N PHE D 140 -10.96 -39.34 -3.06
CA PHE D 140 -11.00 -38.97 -1.67
C PHE D 140 -12.18 -39.67 -1.03
N LEU D 141 -13.27 -39.72 -1.80
CA LEU D 141 -14.52 -40.34 -1.36
C LEU D 141 -14.50 -41.87 -1.55
N ASN D 142 -14.76 -42.32 -2.78
CA ASN D 142 -14.80 -43.75 -3.13
C ASN D 142 -13.79 -44.62 -2.35
#